data_2XIW
#
_entry.id   2XIW
#
_cell.length_a   73.175
_cell.length_b   73.175
_cell.length_c   57.445
_cell.angle_alpha   90.00
_cell.angle_beta   90.00
_cell.angle_gamma   120.00
#
_symmetry.space_group_name_H-M   'P 31 2 1'
#
loop_
_entity.id
_entity.type
_entity.pdbx_description
1 polymer 'DNA-BINDING PROTEIN 7D'
2 non-polymer 'SULFATE ION'
3 non-polymer 'CHLORIDE ION'
4 water water
#
_entity_poly.entity_id   1
_entity_poly.type   'polypeptide(L)'
_entity_poly.pdbx_seq_one_letter_code
;(MSE)RGSHHHHHHGSVKVKFLLNGEEKEVDTSKIRDVSRQGKNVKFLYNDNGKYGAGNVDEKDAPKELLD(MSE)LARA
EREKKLN
;
_entity_poly.pdbx_strand_id   A,B
#
loop_
_chem_comp.id
_chem_comp.type
_chem_comp.name
_chem_comp.formula
CL non-polymer 'CHLORIDE ION' 'Cl -1'
SO4 non-polymer 'SULFATE ION' 'O4 S -2'
#
# COMPACT_ATOMS: atom_id res chain seq x y z
N VAL A 13 2.55 9.97 -16.74
CA VAL A 13 3.67 10.78 -16.24
C VAL A 13 4.33 10.08 -15.04
N LYS A 14 5.52 10.54 -14.63
CA LYS A 14 6.22 10.00 -13.47
C LYS A 14 5.73 10.68 -12.20
N VAL A 15 5.56 9.89 -11.14
CA VAL A 15 5.19 10.39 -9.83
C VAL A 15 6.39 10.08 -8.91
N LYS A 16 6.93 11.11 -8.22
CA LYS A 16 8.01 10.90 -7.24
C LYS A 16 7.31 10.82 -5.90
N PHE A 17 7.62 9.79 -5.11
CA PHE A 17 6.86 9.59 -3.89
C PHE A 17 7.73 8.96 -2.81
N LEU A 18 7.19 8.84 -1.61
CA LEU A 18 7.93 8.17 -0.51
C LEU A 18 7.17 6.94 -0.05
N LEU A 19 7.92 5.90 0.34
CA LEU A 19 7.38 4.71 0.98
C LEU A 19 8.33 4.41 2.14
N ASN A 20 7.79 4.44 3.40
CA ASN A 20 8.64 4.31 4.60
C ASN A 20 9.76 5.36 4.57
N GLY A 21 9.45 6.53 4.02
CA GLY A 21 10.40 7.63 3.97
C GLY A 21 11.44 7.58 2.88
N GLU A 22 11.41 6.52 2.07
CA GLU A 22 12.40 6.33 1.00
C GLU A 22 11.83 6.87 -0.32
N GLU A 23 12.66 7.61 -1.06
CA GLU A 23 12.23 8.17 -2.35
C GLU A 23 12.17 7.12 -3.43
N LYS A 24 11.02 7.05 -4.13
CA LYS A 24 10.84 6.12 -5.24
C LYS A 24 10.13 6.86 -6.34
N GLU A 25 10.02 6.22 -7.52
CA GLU A 25 9.33 6.80 -8.67
C GLU A 25 8.51 5.74 -9.38
N VAL A 26 7.34 6.12 -9.93
CA VAL A 26 6.52 5.18 -10.69
C VAL A 26 5.70 5.94 -11.72
N ASP A 27 5.40 5.29 -12.85
CA ASP A 27 4.55 5.88 -13.88
CA ASP A 27 4.55 5.87 -13.89
C ASP A 27 3.10 5.83 -13.40
N THR A 28 2.32 6.89 -13.64
CA THR A 28 0.90 6.95 -13.25
C THR A 28 0.06 5.85 -13.85
N SER A 29 0.50 5.27 -14.99
CA SER A 29 -0.25 4.20 -15.64
C SER A 29 -0.31 2.93 -14.76
N LYS A 30 0.61 2.82 -13.76
CA LYS A 30 0.65 1.67 -12.84
C LYS A 30 -0.27 1.89 -11.65
N ILE A 31 -0.72 3.13 -11.42
CA ILE A 31 -1.52 3.47 -10.23
C ILE A 31 -2.92 2.92 -10.31
N ARG A 32 -3.40 2.31 -9.18
CA ARG A 32 -4.70 1.63 -9.15
C ARG A 32 -5.79 2.09 -8.20
N ASP A 33 -5.39 2.61 -7.03
CA ASP A 33 -6.30 3.19 -6.01
CA ASP A 33 -6.25 3.13 -5.96
C ASP A 33 -5.57 4.39 -5.45
N VAL A 34 -6.33 5.48 -5.25
CA VAL A 34 -5.81 6.77 -4.80
CA VAL A 34 -5.80 6.75 -4.76
C VAL A 34 -6.75 7.37 -3.77
N SER A 35 -6.19 7.95 -2.71
CA SER A 35 -6.99 8.64 -1.70
C SER A 35 -6.15 9.69 -1.02
N ARG A 36 -6.78 10.56 -0.25
CA ARG A 36 -6.04 11.65 0.41
C ARG A 36 -6.54 11.80 1.85
N GLN A 37 -5.59 11.96 2.78
CA GLN A 37 -5.87 12.29 4.18
C GLN A 37 -4.94 13.45 4.52
N GLY A 38 -5.51 14.61 4.83
CA GLY A 38 -4.72 15.81 5.06
C GLY A 38 -3.93 16.13 3.82
N LYS A 39 -2.64 16.43 3.95
CA LYS A 39 -1.88 16.76 2.74
C LYS A 39 -1.40 15.52 1.99
N ASN A 40 -1.57 14.32 2.56
CA ASN A 40 -0.97 13.16 1.94
C ASN A 40 -1.89 12.46 0.97
N VAL A 41 -1.41 12.32 -0.29
CA VAL A 41 -2.07 11.51 -1.31
C VAL A 41 -1.40 10.15 -1.28
N LYS A 42 -2.17 9.13 -0.88
CA LYS A 42 -1.63 7.80 -0.82
C LYS A 42 -2.17 7.00 -1.99
N PHE A 43 -1.38 6.05 -2.49
CA PHE A 43 -1.87 5.25 -3.62
C PHE A 43 -1.25 3.89 -3.63
N LEU A 44 -1.94 2.98 -4.33
CA LEU A 44 -1.44 1.64 -4.56
C LEU A 44 -1.16 1.53 -6.05
N TYR A 45 -0.17 0.74 -6.41
CA TYR A 45 0.17 0.60 -7.81
C TYR A 45 0.64 -0.78 -8.13
N ASN A 46 0.60 -1.13 -9.42
CA ASN A 46 1.09 -2.43 -9.83
C ASN A 46 2.61 -2.38 -9.90
N ASP A 47 3.27 -3.14 -9.01
CA ASP A 47 4.72 -3.17 -8.89
C ASP A 47 5.23 -4.48 -9.48
N ASN A 48 5.28 -4.53 -10.81
CA ASN A 48 5.74 -5.68 -11.60
C ASN A 48 5.02 -7.00 -11.22
N GLY A 49 3.71 -6.90 -10.97
CA GLY A 49 2.88 -8.07 -10.69
C GLY A 49 2.35 -8.25 -9.28
N LYS A 50 2.68 -7.31 -8.35
CA LYS A 50 2.17 -7.38 -6.97
C LYS A 50 1.94 -5.91 -6.61
N TYR A 51 1.16 -5.64 -5.60
CA TYR A 51 0.97 -4.26 -5.23
C TYR A 51 2.19 -3.66 -4.56
N GLY A 52 2.35 -2.38 -4.85
CA GLY A 52 3.26 -1.49 -4.17
C GLY A 52 2.44 -0.32 -3.64
N ALA A 53 3.01 0.46 -2.72
CA ALA A 53 2.31 1.63 -2.18
C ALA A 53 3.22 2.85 -2.23
N GLY A 54 2.58 4.02 -2.24
CA GLY A 54 3.31 5.27 -2.22
C GLY A 54 2.52 6.38 -1.57
N ASN A 55 3.25 7.43 -1.22
CA ASN A 55 2.72 8.62 -0.56
C ASN A 55 3.36 9.84 -1.19
N VAL A 56 2.52 10.81 -1.57
CA VAL A 56 3.04 12.05 -2.16
C VAL A 56 2.26 13.23 -1.60
N ASP A 57 2.92 14.33 -1.18
CA ASP A 57 2.12 15.47 -0.73
C ASP A 57 1.25 15.92 -1.93
N GLU A 58 0.04 16.43 -1.65
CA GLU A 58 -0.82 16.89 -2.71
C GLU A 58 -0.15 17.92 -3.59
N LYS A 59 0.65 18.81 -3.00
CA LYS A 59 1.30 19.85 -3.81
CA LYS A 59 1.36 19.85 -3.75
C LYS A 59 2.31 19.26 -4.79
N ASP A 60 2.80 18.03 -4.51
CA ASP A 60 3.80 17.42 -5.39
C ASP A 60 3.20 16.43 -6.35
N ALA A 61 1.86 16.30 -6.34
CA ALA A 61 1.20 15.33 -7.19
C ALA A 61 1.01 15.92 -8.57
N PRO A 62 1.40 15.18 -9.64
CA PRO A 62 1.12 15.68 -10.99
C PRO A 62 -0.36 15.76 -11.28
N LYS A 63 -0.72 16.60 -12.26
CA LYS A 63 -2.07 16.78 -12.75
C LYS A 63 -2.79 15.43 -12.88
N GLU A 64 -2.16 14.48 -13.57
CA GLU A 64 -2.76 13.15 -13.83
C GLU A 64 -3.17 12.44 -12.55
N LEU A 65 -2.34 12.56 -11.49
CA LEU A 65 -2.64 11.88 -10.24
C LEU A 65 -3.77 12.62 -9.49
N LEU A 66 -3.75 13.97 -9.52
CA LEU A 66 -4.83 14.72 -8.92
C LEU A 66 -6.17 14.38 -9.59
N ASP A 67 -6.15 14.17 -10.93
CA ASP A 67 -7.35 13.81 -11.69
CA ASP A 67 -7.34 13.79 -11.71
C ASP A 67 -7.85 12.46 -11.18
N MSE A 68 -6.91 11.48 -10.96
CA MSE A 68 -7.32 10.18 -10.47
CA MSE A 68 -7.27 10.16 -10.43
C MSE A 68 -7.86 10.27 -9.06
O MSE A 68 -8.82 9.55 -8.72
CB MSE A 68 -6.20 9.16 -10.62
CB MSE A 68 -6.07 9.23 -10.36
CG MSE A 68 -5.70 9.06 -12.08
CG MSE A 68 -5.60 8.75 -11.73
SE MSE A 68 -3.93 8.31 -12.25
SE MSE A 68 -4.01 7.67 -11.51
CE MSE A 68 -4.42 6.48 -11.67
CE MSE A 68 -3.58 7.48 -13.43
N LEU A 69 -7.27 11.14 -8.20
CA LEU A 69 -7.75 11.33 -6.84
C LEU A 69 -9.19 11.81 -6.86
N ALA A 70 -9.47 12.89 -7.65
CA ALA A 70 -10.81 13.45 -7.66
C ALA A 70 -11.81 12.43 -8.20
N ARG A 71 -11.45 11.64 -9.25
CA ARG A 71 -12.34 10.59 -9.76
CA ARG A 71 -12.39 10.63 -9.74
C ARG A 71 -12.63 9.58 -8.64
N ALA A 72 -11.56 9.13 -7.93
CA ALA A 72 -11.77 8.16 -6.85
C ALA A 72 -12.68 8.69 -5.74
N GLU A 73 -12.55 10.00 -5.41
CA GLU A 73 -13.38 10.62 -4.41
C GLU A 73 -14.83 10.67 -4.89
N ARG A 74 -15.04 10.92 -6.22
CA ARG A 74 -16.41 10.92 -6.77
C ARG A 74 -17.03 9.54 -6.69
N GLU A 75 -16.21 8.47 -6.76
CA GLU A 75 -16.71 7.10 -6.69
CA GLU A 75 -16.65 7.08 -6.66
C GLU A 75 -17.02 6.66 -5.24
N LYS A 76 -16.44 7.32 -4.22
CA LYS A 76 -16.73 7.04 -2.81
C LYS A 76 -18.18 7.44 -2.52
N VAL B 13 -5.62 -8.46 16.65
CA VAL B 13 -4.44 -9.20 16.20
C VAL B 13 -3.40 -8.24 15.62
N LYS B 14 -2.19 -8.27 16.20
CA LYS B 14 -1.10 -7.41 15.79
C LYS B 14 -0.01 -8.16 15.03
N VAL B 15 0.60 -7.49 14.05
CA VAL B 15 1.74 -7.99 13.32
C VAL B 15 2.90 -7.15 13.83
N LYS B 16 3.93 -7.78 14.37
CA LYS B 16 5.11 -7.09 14.90
C LYS B 16 6.21 -7.27 13.88
N PHE B 17 6.90 -6.19 13.51
CA PHE B 17 7.93 -6.29 12.48
C PHE B 17 8.95 -5.16 12.66
N LEU B 18 10.02 -5.19 11.87
CA LEU B 18 11.02 -4.11 11.86
C LEU B 18 10.85 -3.18 10.68
N LEU B 19 10.77 -1.88 10.96
CA LEU B 19 10.52 -0.84 9.94
C LEU B 19 11.71 0.10 10.07
N ASN B 20 12.60 0.08 9.06
CA ASN B 20 13.83 0.91 9.07
C ASN B 20 14.61 0.75 10.40
N GLY B 21 14.74 -0.50 10.82
CA GLY B 21 15.44 -0.84 12.04
C GLY B 21 14.71 -0.55 13.35
N GLU B 22 13.45 -0.08 13.28
CA GLU B 22 12.66 0.24 14.46
C GLU B 22 11.53 -0.79 14.63
N GLU B 23 11.23 -1.14 15.88
CA GLU B 23 10.15 -2.08 16.17
C GLU B 23 8.80 -1.41 15.92
N LYS B 24 7.94 -2.04 15.10
CA LYS B 24 6.63 -1.48 14.78
C LYS B 24 5.59 -2.56 14.96
N GLU B 25 4.36 -2.15 15.24
CA GLU B 25 3.24 -3.08 15.37
C GLU B 25 2.11 -2.50 14.58
N VAL B 26 1.40 -3.35 13.81
CA VAL B 26 0.27 -2.92 13.00
CA VAL B 26 0.25 -2.90 13.04
C VAL B 26 -0.90 -3.89 13.23
N ASP B 27 -2.10 -3.37 13.48
CA ASP B 27 -3.28 -4.21 13.62
CA ASP B 27 -3.25 -4.26 13.64
C ASP B 27 -3.61 -4.82 12.26
N THR B 28 -4.02 -6.10 12.22
CA THR B 28 -4.37 -6.70 10.92
C THR B 28 -5.51 -5.97 10.22
N SER B 29 -6.38 -5.26 10.98
CA SER B 29 -7.47 -4.54 10.34
C SER B 29 -6.94 -3.38 9.47
N LYS B 30 -5.65 -3.01 9.64
CA LYS B 30 -5.11 -1.91 8.83
CA LYS B 30 -5.03 -1.91 8.87
C LYS B 30 -4.34 -2.40 7.61
N ILE B 31 -4.26 -3.71 7.46
CA ILE B 31 -3.55 -4.30 6.32
C ILE B 31 -4.43 -4.21 5.09
N ARG B 32 -3.86 -3.68 4.02
CA ARG B 32 -4.60 -3.49 2.79
C ARG B 32 -4.24 -4.47 1.68
N ASP B 33 -3.04 -5.05 1.71
CA ASP B 33 -2.62 -6.02 0.71
C ASP B 33 -1.51 -6.88 1.29
N VAL B 34 -1.45 -8.15 0.87
CA VAL B 34 -0.38 -9.03 1.32
CA VAL B 34 -0.46 -9.13 1.35
C VAL B 34 0.07 -9.93 0.17
N SER B 35 1.39 -10.15 0.12
CA SER B 35 1.98 -10.98 -0.90
C SER B 35 3.14 -11.75 -0.32
N ARG B 36 3.61 -12.79 -1.03
CA ARG B 36 4.69 -13.62 -0.53
C ARG B 36 5.80 -13.76 -1.58
N GLN B 37 7.05 -13.73 -1.11
CA GLN B 37 8.22 -14.00 -1.99
C GLN B 37 9.05 -15.00 -1.22
N GLY B 38 8.98 -16.28 -1.60
CA GLY B 38 9.66 -17.33 -0.85
C GLY B 38 9.09 -17.45 0.54
N LYS B 39 9.92 -17.19 1.56
CA LYS B 39 9.47 -17.27 2.97
C LYS B 39 9.08 -15.90 3.46
N ASN B 40 9.29 -14.85 2.64
CA ASN B 40 8.98 -13.48 3.05
C ASN B 40 7.52 -13.15 2.79
N VAL B 41 6.84 -12.56 3.80
CA VAL B 41 5.46 -12.06 3.66
C VAL B 41 5.52 -10.55 3.69
N LYS B 42 5.10 -9.91 2.57
CA LYS B 42 5.11 -8.47 2.42
CA LYS B 42 5.09 -8.46 2.41
C LYS B 42 3.69 -7.98 2.63
N PHE B 43 3.52 -6.89 3.39
CA PHE B 43 2.18 -6.37 3.59
C PHE B 43 2.17 -4.85 3.51
N LEU B 44 1.13 -4.30 2.90
CA LEU B 44 0.94 -2.86 2.80
C LEU B 44 -0.15 -2.49 3.76
N TYR B 45 0.02 -1.40 4.51
CA TYR B 45 -0.94 -1.10 5.55
C TYR B 45 -1.15 0.40 5.69
N ASN B 46 -2.25 0.78 6.37
CA ASN B 46 -2.54 2.18 6.73
C ASN B 46 -1.88 2.53 8.06
N ASP B 47 -1.27 3.69 8.10
CA ASP B 47 -0.62 4.20 9.30
C ASP B 47 -0.77 5.68 9.32
N ASN B 48 -1.71 6.19 10.14
CA ASN B 48 -1.93 7.64 10.33
CA ASN B 48 -1.94 7.63 10.33
C ASN B 48 -1.97 8.43 9.02
N GLY B 49 -2.80 7.98 8.10
CA GLY B 49 -2.99 8.65 6.81
C GLY B 49 -1.98 8.32 5.73
N LYS B 50 -1.00 7.45 6.02
CA LYS B 50 -0.01 7.07 5.02
C LYS B 50 -0.12 5.59 4.78
N TYR B 51 0.41 5.13 3.66
CA TYR B 51 0.62 3.70 3.48
C TYR B 51 2.07 3.43 3.88
N GLY B 52 2.25 2.33 4.60
CA GLY B 52 3.56 1.81 4.97
C GLY B 52 3.66 0.41 4.40
N ALA B 53 4.88 -0.14 4.39
CA ALA B 53 5.11 -1.51 3.93
C ALA B 53 6.00 -2.22 4.90
N GLY B 54 5.59 -3.42 5.28
CA GLY B 54 6.40 -4.24 6.18
C GLY B 54 6.66 -5.60 5.57
N ASN B 55 7.62 -6.29 6.15
CA ASN B 55 7.95 -7.63 5.73
C ASN B 55 8.17 -8.43 7.01
N VAL B 56 7.66 -9.66 7.02
CA VAL B 56 7.95 -10.61 8.12
C VAL B 56 8.23 -11.94 7.49
N ASP B 57 9.02 -12.75 8.19
CA ASP B 57 9.12 -14.13 7.73
C ASP B 57 7.76 -14.79 7.95
N GLU B 58 7.45 -15.79 7.13
CA GLU B 58 6.14 -16.46 7.25
C GLU B 58 5.88 -16.97 8.67
N LYS B 59 6.92 -17.38 9.43
CA LYS B 59 6.71 -17.86 10.80
C LYS B 59 6.19 -16.77 11.73
N ASP B 60 6.47 -15.50 11.40
CA ASP B 60 6.07 -14.35 12.21
C ASP B 60 4.82 -13.69 11.66
N ALA B 61 4.18 -14.30 10.66
CA ALA B 61 2.92 -13.78 10.17
C ALA B 61 1.81 -14.43 10.97
N PRO B 62 0.94 -13.67 11.67
CA PRO B 62 -0.18 -14.32 12.38
C PRO B 62 -1.09 -15.09 11.39
N LYS B 63 -1.82 -16.13 11.88
CA LYS B 63 -2.70 -16.93 11.03
C LYS B 63 -3.67 -16.02 10.25
N GLU B 64 -4.17 -14.95 10.89
CA GLU B 64 -5.11 -14.02 10.22
CA GLU B 64 -5.11 -14.03 10.22
C GLU B 64 -4.46 -13.43 8.97
N LEU B 65 -3.16 -13.12 9.05
CA LEU B 65 -2.44 -12.53 7.91
C LEU B 65 -2.17 -13.58 6.86
N LEU B 66 -1.82 -14.81 7.28
CA LEU B 66 -1.65 -15.89 6.33
C LEU B 66 -2.97 -16.23 5.59
N ASP B 67 -4.13 -16.08 6.28
CA ASP B 67 -5.41 -16.33 5.61
C ASP B 67 -5.65 -15.25 4.56
N MSE B 68 -5.25 -13.99 4.85
CA MSE B 68 -5.39 -12.91 3.85
C MSE B 68 -4.52 -13.24 2.64
O MSE B 68 -4.94 -13.06 1.50
CB MSE B 68 -4.96 -11.55 4.43
CG MSE B 68 -5.81 -11.12 5.58
SE MSE B 68 -5.10 -9.47 6.27
CE MSE B 68 -6.25 -9.32 7.79
N LEU B 69 -3.29 -13.73 2.89
CA LEU B 69 -2.39 -14.12 1.80
C LEU B 69 -3.03 -15.20 0.91
N ALA B 70 -3.65 -16.23 1.53
CA ALA B 70 -4.26 -17.30 0.74
C ALA B 70 -5.43 -16.78 -0.10
N ARG B 71 -6.22 -15.82 0.45
CA ARG B 71 -7.29 -15.22 -0.34
C ARG B 71 -6.75 -14.43 -1.49
N ALA B 72 -5.68 -13.65 -1.27
CA ALA B 72 -5.11 -12.83 -2.33
C ALA B 72 -4.60 -13.71 -3.47
N GLU B 73 -3.94 -14.82 -3.10
CA GLU B 73 -3.41 -15.72 -4.14
C GLU B 73 -4.55 -16.42 -4.91
N ARG B 74 -5.67 -16.71 -4.24
CA ARG B 74 -6.81 -17.31 -4.93
C ARG B 74 -7.41 -16.31 -5.88
N GLU B 75 -7.55 -15.03 -5.42
CA GLU B 75 -8.11 -14.01 -6.30
C GLU B 75 -7.24 -13.81 -7.54
N LYS B 76 -5.91 -13.94 -7.38
CA LYS B 76 -4.97 -13.80 -8.51
C LYS B 76 -5.08 -14.93 -9.53
N LYS B 77 -5.61 -16.12 -9.16
CA LYS B 77 -5.74 -17.19 -10.15
C LYS B 77 -7.17 -17.40 -10.67
N LEU B 78 -8.10 -16.52 -10.28
CA LEU B 78 -9.49 -16.63 -10.73
C LEU B 78 -9.63 -16.55 -12.24
N ASN B 79 -8.98 -15.55 -12.86
CA ASN B 79 -9.02 -15.33 -14.31
C ASN B 79 -8.45 -16.51 -15.09
S SO4 C . -9.34 15.71 4.87
O1 SO4 C . -8.28 16.60 4.60
O2 SO4 C . -8.75 14.37 5.11
O3 SO4 C . -10.25 15.70 3.69
O4 SO4 C . -10.06 16.14 6.08
S SO4 D . -8.67 2.90 3.44
O1 SO4 D . -8.35 4.34 3.54
O2 SO4 D . -9.09 2.38 4.75
O3 SO4 D . -7.47 2.21 2.94
O4 SO4 D . -9.74 2.65 2.48
CL CL E . -8.53 -11.01 2.98
#